data_6I4X
#
_entry.id   6I4X
#
_cell.length_a   41.287
_cell.length_b   56.327
_cell.length_c   203.392
_cell.angle_alpha   90.00
_cell.angle_beta   91.53
_cell.angle_gamma   90.00
#
_symmetry.space_group_name_H-M   'I 1 2 1'
#
loop_
_entity.id
_entity.type
_entity.pdbx_description
1 polymer Elongin-B
2 polymer Elongin-C
3 polymer 'Suppressor of cytokine signaling 2'
4 polymer 'Erythropoietin receptor'
5 non-polymer DI(HYDROXYETHYL)ETHER
6 water water
#
loop_
_entity_poly.entity_id
_entity_poly.type
_entity_poly.pdbx_seq_one_letter_code
_entity_poly.pdbx_strand_id
1 'polypeptide(L)'
;MDVFLMIRRHKTTIFTDAKESSTVFELKRIVEGILKRPPDEQRLYKDDQLLDDGKTLGECGFTSQTARPQAPATVGLAFR
ADDTFEAL(CAS)IEPFSSPPELPDVMK
;
B
2 'polypeptide(L)'
;MMYVKLISSDGHEFIVKREHALTSGTIKAMLSGPGQFAENETNEVNFREIPSHVLSKVCMYFTYKVRYTNSSTEIPEFPI
APEIALELLMAANFLDC
;
C
3 'polypeptide(L)'
;SMQAARLAKALRELGQTGWYWGSMTVNEAKEKLKEAPEGTFLIRDSSHSDYLLTISVKTSAGPTNLRIEYQDGKFRLDSI
ICVKSALAAFDSVVHLIDYYVQM(CAS)KDKRTGPEAPRNGTVHLYLTKPLYTSAPSLQHLCRLTINKCTGAIWGLPLPT
RLKDYLEEYKFQV
;
A
4 'polypeptide(L)' ASFE(PTR)TILDPS D
#
# COMPACT_ATOMS: atom_id res chain seq x y z
N MET A 1 -2.83 -4.15 -20.28
CA MET A 1 -2.42 -3.84 -18.92
C MET A 1 -1.22 -2.89 -18.94
N ASP A 2 -1.25 -1.91 -18.04
CA ASP A 2 -0.24 -0.86 -18.02
C ASP A 2 1.05 -1.34 -17.38
N VAL A 3 2.15 -0.68 -17.77
CA VAL A 3 3.48 -0.94 -17.24
C VAL A 3 3.96 0.33 -16.54
N PHE A 4 4.47 0.18 -15.32
CA PHE A 4 4.88 1.32 -14.49
C PHE A 4 6.40 1.34 -14.40
N LEU A 5 7.00 2.46 -14.80
CA LEU A 5 8.44 2.55 -15.02
C LEU A 5 9.06 3.68 -14.21
N MET A 6 10.35 3.55 -13.99
CA MET A 6 11.20 4.59 -13.42
C MET A 6 12.28 4.91 -14.44
N ILE A 7 12.11 5.99 -15.19
CA ILE A 7 13.10 6.42 -16.17
C ILE A 7 14.16 7.23 -15.44
N ARG A 8 15.38 6.69 -15.35
CA ARG A 8 16.42 7.25 -14.51
C ARG A 8 17.65 7.60 -15.33
N ARG A 9 18.19 8.79 -15.08
CA ARG A 9 19.46 9.22 -15.65
C ARG A 9 20.11 10.17 -14.66
N HIS A 10 21.40 9.95 -14.37
CA HIS A 10 22.13 10.73 -13.37
C HIS A 10 21.37 10.71 -12.06
N LYS A 11 20.94 11.88 -11.60
CA LYS A 11 20.09 12.00 -10.42
C LYS A 11 18.64 12.29 -10.77
N THR A 12 18.30 12.34 -12.05
CA THR A 12 16.92 12.52 -12.46
C THR A 12 16.20 11.18 -12.49
N THR A 13 14.92 11.20 -12.12
CA THR A 13 14.10 10.00 -12.11
C THR A 13 12.69 10.37 -12.52
N ILE A 14 12.16 9.70 -13.54
CA ILE A 14 10.84 10.00 -14.08
C ILE A 14 9.92 8.83 -13.74
N PHE A 15 8.82 9.14 -13.04
CA PHE A 15 7.78 8.17 -12.75
C PHE A 15 6.69 8.32 -13.81
N THR A 16 6.52 7.28 -14.63
CA THR A 16 5.55 7.33 -15.71
C THR A 16 5.06 5.91 -16.00
N ASP A 17 3.95 5.83 -16.72
CA ASP A 17 3.33 4.56 -17.05
C ASP A 17 3.06 4.48 -18.55
N ALA A 18 3.02 3.25 -19.05
CA ALA A 18 2.73 3.00 -20.46
C ALA A 18 2.15 1.60 -20.58
N LYS A 19 1.42 1.37 -21.67
CA LYS A 19 0.86 0.06 -21.92
C LYS A 19 1.94 -0.91 -22.37
N GLU A 20 1.78 -2.17 -21.99
CA GLU A 20 2.78 -3.19 -22.32
C GLU A 20 2.93 -3.37 -23.82
N SER A 21 1.88 -3.05 -24.58
CA SER A 21 1.92 -3.18 -26.04
C SER A 21 2.45 -1.93 -26.73
N SER A 22 2.83 -0.90 -25.98
CA SER A 22 3.42 0.28 -26.57
C SER A 22 4.88 0.05 -26.90
N THR A 23 5.38 0.82 -27.86
CA THR A 23 6.75 0.64 -28.35
C THR A 23 7.74 1.50 -27.57
N VAL A 24 9.01 1.13 -27.67
CA VAL A 24 10.08 1.88 -27.02
C VAL A 24 10.13 3.31 -27.57
N PHE A 25 9.90 3.47 -28.87
CA PHE A 25 9.92 4.80 -29.47
C PHE A 25 8.88 5.72 -28.82
N GLU A 26 7.68 5.21 -28.59
CA GLU A 26 6.65 6.01 -27.95
C GLU A 26 7.01 6.34 -26.50
N LEU A 27 7.81 5.49 -25.86
CA LEU A 27 8.32 5.82 -24.53
C LEU A 27 9.31 6.97 -24.61
N LYS A 28 10.15 6.98 -25.64
CA LYS A 28 11.08 8.10 -25.84
C LYS A 28 10.31 9.39 -26.12
N ARG A 29 9.15 9.29 -26.76
CA ARG A 29 8.31 10.46 -26.96
C ARG A 29 7.78 11.00 -25.63
N ILE A 30 7.56 10.12 -24.66
CA ILE A 30 7.16 10.57 -23.34
C ILE A 30 8.30 11.32 -22.67
N VAL A 31 9.52 10.81 -22.79
CA VAL A 31 10.69 11.50 -22.25
C VAL A 31 10.89 12.84 -22.94
N GLU A 32 10.52 12.94 -24.22
CA GLU A 32 10.72 14.17 -24.96
C GLU A 32 9.86 15.31 -24.43
N GLY A 33 8.61 15.01 -24.07
CA GLY A 33 7.72 16.03 -23.54
C GLY A 33 8.07 16.49 -22.13
N ILE A 34 9.00 15.80 -21.47
CA ILE A 34 9.41 16.14 -20.11
C ILE A 34 10.78 16.78 -20.09
N LEU A 35 11.77 16.14 -20.71
CA LEU A 35 13.15 16.60 -20.67
C LEU A 35 13.57 17.37 -21.91
N LYS A 36 12.65 17.61 -22.85
CA LYS A 36 12.90 18.43 -24.04
C LYS A 36 14.06 17.87 -24.87
N ARG A 37 14.03 16.57 -25.11
CA ARG A 37 15.05 15.92 -25.94
C ARG A 37 14.38 14.95 -26.92
N PRO A 38 14.57 15.13 -28.21
CA PRO A 38 13.91 14.26 -29.21
C PRO A 38 14.43 12.84 -29.11
N PRO A 39 13.66 11.85 -29.59
CA PRO A 39 14.07 10.45 -29.43
C PRO A 39 15.37 10.09 -30.13
N ASP A 40 15.76 10.83 -31.17
CA ASP A 40 17.01 10.53 -31.86
C ASP A 40 18.22 10.74 -30.95
N GLU A 41 18.08 11.51 -29.88
CA GLU A 41 19.16 11.76 -28.93
C GLU A 41 19.00 10.95 -27.65
N GLN A 42 18.19 9.89 -27.68
CA GLN A 42 17.92 9.08 -26.51
C GLN A 42 18.37 7.64 -26.73
N ARG A 43 18.78 6.99 -25.64
CA ARG A 43 19.17 5.58 -25.65
C ARG A 43 18.62 4.95 -24.37
N LEU A 44 17.54 4.18 -24.51
CA LEU A 44 16.91 3.54 -23.37
C LEU A 44 17.54 2.18 -23.12
N TYR A 45 17.75 1.86 -21.84
CA TYR A 45 18.37 0.60 -21.43
C TYR A 45 17.47 -0.11 -20.42
N LYS A 46 17.39 -1.43 -20.55
CA LYS A 46 16.93 -2.28 -19.46
C LYS A 46 18.18 -2.94 -18.87
N ASP A 47 18.52 -2.54 -17.64
CA ASP A 47 19.81 -2.88 -17.04
C ASP A 47 20.93 -2.42 -17.96
N ASP A 48 21.65 -3.35 -18.59
CA ASP A 48 22.72 -2.97 -19.51
C ASP A 48 22.35 -3.12 -20.98
N GLN A 49 21.28 -3.84 -21.30
CA GLN A 49 20.92 -4.09 -22.69
C GLN A 49 20.18 -2.88 -23.27
N LEU A 50 20.59 -2.47 -24.46
CA LEU A 50 19.93 -1.38 -25.17
C LEU A 50 18.63 -1.87 -25.81
N LEU A 51 17.64 -1.00 -25.83
CA LEU A 51 16.31 -1.32 -26.34
C LEU A 51 16.09 -0.67 -27.70
N ASP A 52 15.53 -1.43 -28.63
CA ASP A 52 15.23 -0.94 -29.97
C ASP A 52 13.86 -0.28 -29.99
N ASP A 53 13.77 0.85 -30.73
CA ASP A 53 12.54 1.64 -30.76
C ASP A 53 11.36 0.86 -31.31
N GLY A 54 11.59 -0.14 -32.16
CA GLY A 54 10.51 -0.90 -32.74
C GLY A 54 9.88 -1.91 -31.80
N LYS A 55 10.70 -2.54 -30.97
CA LYS A 55 10.20 -3.56 -30.05
C LYS A 55 9.20 -2.94 -29.07
N THR A 56 8.22 -3.75 -28.68
CA THR A 56 7.28 -3.33 -27.67
C THR A 56 7.90 -3.49 -26.28
N LEU A 57 7.32 -2.79 -25.30
CA LEU A 57 7.81 -2.89 -23.94
C LEU A 57 7.70 -4.32 -23.41
N GLY A 58 6.71 -5.07 -23.89
CA GLY A 58 6.64 -6.48 -23.52
C GLY A 58 7.79 -7.29 -24.07
N GLU A 59 8.18 -7.03 -25.32
CA GLU A 59 9.30 -7.72 -25.92
C GLU A 59 10.63 -7.39 -25.26
N CYS A 60 10.68 -6.29 -24.50
CA CYS A 60 11.90 -5.88 -23.82
C CYS A 60 12.02 -6.45 -22.41
N GLY A 61 10.97 -7.09 -21.90
CA GLY A 61 10.99 -7.67 -20.58
C GLY A 61 10.22 -6.92 -19.53
N PHE A 62 9.46 -5.89 -19.90
CA PHE A 62 8.66 -5.11 -18.95
C PHE A 62 7.23 -5.63 -18.99
N THR A 63 7.00 -6.72 -18.25
CA THR A 63 5.67 -7.29 -18.17
C THR A 63 4.86 -6.61 -17.07
N SER A 64 3.53 -6.67 -17.22
CA SER A 64 2.65 -6.02 -16.24
C SER A 64 2.76 -6.67 -14.87
N GLN A 65 3.10 -7.96 -14.81
CA GLN A 65 3.19 -8.67 -13.55
C GLN A 65 4.41 -8.28 -12.72
N THR A 66 5.33 -7.50 -13.28
CA THR A 66 6.52 -7.06 -12.56
C THR A 66 6.58 -5.56 -12.36
N ALA A 67 6.27 -4.78 -13.39
CA ALA A 67 6.37 -3.31 -13.33
C ALA A 67 5.06 -2.74 -12.80
N ARG A 68 4.81 -2.99 -11.51
CA ARG A 68 3.61 -2.58 -10.81
C ARG A 68 3.82 -1.21 -10.17
N PRO A 69 2.73 -0.51 -9.81
CA PRO A 69 2.89 0.82 -9.19
C PRO A 69 3.69 0.79 -7.91
N GLN A 70 3.47 -0.21 -7.05
CA GLN A 70 4.17 -0.28 -5.77
C GLN A 70 5.64 -0.64 -5.94
N ALA A 71 6.07 -1.06 -7.12
CA ALA A 71 7.47 -1.38 -7.38
C ALA A 71 7.76 -1.26 -8.88
N PRO A 72 7.99 -0.05 -9.39
CA PRO A 72 8.18 0.12 -10.84
C PRO A 72 9.52 -0.42 -11.29
N ALA A 73 9.57 -0.79 -12.57
CA ALA A 73 10.79 -1.26 -13.19
C ALA A 73 11.65 -0.08 -13.62
N THR A 74 12.96 -0.24 -13.51
CA THR A 74 13.90 0.84 -13.79
C THR A 74 14.37 0.77 -15.24
N VAL A 75 14.37 1.91 -15.91
CA VAL A 75 14.82 2.04 -17.29
C VAL A 75 15.90 3.12 -17.33
N GLY A 76 17.12 2.72 -17.70
CA GLY A 76 18.21 3.68 -17.80
C GLY A 76 18.08 4.51 -19.07
N LEU A 77 18.46 5.79 -18.96
CA LEU A 77 18.38 6.73 -20.06
C LEU A 77 19.71 7.44 -20.23
N ALA A 78 20.16 7.54 -21.48
CA ALA A 78 21.40 8.23 -21.81
C ALA A 78 21.12 9.24 -22.92
N PHE A 79 21.75 10.41 -22.82
CA PHE A 79 21.60 11.48 -23.80
C PHE A 79 22.83 11.53 -24.70
N ARG A 80 22.63 12.01 -25.92
CA ARG A 80 23.72 12.23 -26.86
C ARG A 80 24.12 13.70 -26.80
N ALA A 81 25.38 13.95 -26.42
CA ALA A 81 25.94 15.28 -26.42
C ALA A 81 26.94 15.40 -27.56
N ASP A 82 26.74 16.40 -28.42
CA ASP A 82 27.61 16.68 -29.55
C ASP A 82 27.70 15.48 -30.49
N ASP A 83 28.86 14.81 -30.50
CA ASP A 83 29.11 13.81 -31.54
C ASP A 83 28.61 12.43 -31.14
N THR A 84 28.87 12.01 -29.90
CA THR A 84 28.63 10.65 -29.48
C THR A 84 27.66 10.59 -28.32
N PHE A 85 27.22 9.38 -28.00
CA PHE A 85 26.34 9.13 -26.87
C PHE A 85 27.17 8.97 -25.60
N GLU A 86 26.65 9.52 -24.50
CA GLU A 86 27.31 9.37 -23.21
C GLU A 86 27.09 7.96 -22.68
N ALA A 87 27.90 7.60 -21.67
CA ALA A 87 27.71 6.33 -20.99
C ALA A 87 26.53 6.42 -20.03
N LEU A 88 25.77 5.33 -19.95
CA LEU A 88 24.61 5.28 -19.06
C LEU A 88 25.06 5.40 -17.60
N ILE A 90 23.59 6.12 -13.70
CA ILE A 90 22.46 6.30 -12.80
C ILE A 90 22.96 6.43 -11.37
N GLU A 91 22.81 7.62 -10.80
CA GLU A 91 23.28 7.86 -9.43
C GLU A 91 22.41 7.08 -8.46
N PRO A 92 23.00 6.31 -7.55
CA PRO A 92 22.19 5.53 -6.60
C PRO A 92 21.52 6.41 -5.57
N PHE A 93 20.41 5.91 -5.03
CA PHE A 93 19.70 6.60 -3.96
C PHE A 93 20.52 6.51 -2.67
N SER A 94 20.04 7.24 -1.65
CA SER A 94 20.67 7.19 -0.35
C SER A 94 20.41 5.83 0.31
N SER A 95 21.07 5.62 1.45
CA SER A 95 20.97 4.35 2.15
C SER A 95 20.30 4.51 3.51
N PRO A 96 19.46 3.56 3.92
CA PRO A 96 18.81 3.69 5.22
C PRO A 96 19.79 3.44 6.35
N PRO A 97 19.59 4.06 7.50
CA PRO A 97 20.49 3.87 8.64
C PRO A 97 20.27 2.52 9.31
N GLU A 98 21.05 2.28 10.35
CA GLU A 98 20.91 1.05 11.13
C GLU A 98 19.65 1.12 11.98
N LEU A 99 18.96 -0.01 12.09
CA LEU A 99 17.69 -0.05 12.80
C LEU A 99 17.91 0.10 14.30
N PRO A 100 16.93 0.65 15.01
CA PRO A 100 17.02 0.70 16.48
C PRO A 100 17.02 -0.69 17.08
N ASP A 101 17.35 -0.74 18.38
CA ASP A 101 17.50 -2.02 19.06
C ASP A 101 16.19 -2.79 19.12
N VAL A 102 15.05 -2.08 19.17
CA VAL A 102 13.76 -2.76 19.33
C VAL A 102 13.34 -3.49 18.07
N MET A 103 13.88 -3.13 16.91
CA MET A 103 13.52 -3.78 15.66
C MET A 103 14.61 -4.76 15.21
N MET B 2 1.32 19.58 -15.97
CA MET B 2 1.00 18.17 -16.05
C MET B 2 1.95 17.32 -15.19
N TYR B 3 3.20 17.74 -15.13
CA TYR B 3 4.22 17.10 -14.31
C TYR B 3 4.75 18.10 -13.28
N VAL B 4 5.28 17.58 -12.17
CA VAL B 4 6.04 18.40 -11.22
C VAL B 4 7.34 17.72 -10.86
N LYS B 5 8.26 18.52 -10.30
CA LYS B 5 9.58 18.09 -9.90
C LYS B 5 9.70 18.14 -8.39
N LEU B 6 9.96 16.97 -7.77
CA LEU B 6 10.20 16.86 -6.34
C LEU B 6 11.68 16.58 -6.14
N ILE B 7 12.36 17.45 -5.40
CA ILE B 7 13.80 17.36 -5.19
C ILE B 7 14.04 16.87 -3.77
N SER B 8 14.77 15.77 -3.64
CA SER B 8 15.08 15.20 -2.33
C SER B 8 16.16 16.03 -1.65
N SER B 9 16.53 15.62 -0.43
CA SER B 9 17.53 16.36 0.32
C SER B 9 18.93 16.17 -0.23
N ASP B 10 19.22 15.01 -0.83
CA ASP B 10 20.53 14.74 -1.39
C ASP B 10 20.65 15.14 -2.85
N GLY B 11 19.67 15.86 -3.39
CA GLY B 11 19.76 16.43 -4.72
C GLY B 11 19.03 15.67 -5.81
N HIS B 12 18.48 14.49 -5.50
CA HIS B 12 17.80 13.70 -6.52
C HIS B 12 16.52 14.38 -6.95
N GLU B 13 16.32 14.47 -8.27
CA GLU B 13 15.14 15.09 -8.84
C GLU B 13 14.16 14.01 -9.26
N PHE B 14 12.95 14.04 -8.69
CA PHE B 14 11.89 13.09 -9.01
C PHE B 14 10.79 13.83 -9.75
N ILE B 15 10.54 13.43 -10.99
CA ILE B 15 9.56 14.08 -11.84
C ILE B 15 8.30 13.20 -11.84
N VAL B 16 7.23 13.74 -11.25
CA VAL B 16 5.98 13.03 -11.04
C VAL B 16 4.89 13.76 -11.80
N LYS B 17 3.77 13.09 -12.00
CA LYS B 17 2.58 13.75 -12.54
C LYS B 17 1.95 14.64 -11.47
N ARG B 18 1.44 15.81 -11.92
CA ARG B 18 0.87 16.77 -11.00
C ARG B 18 -0.21 16.15 -10.14
N GLU B 19 -1.18 15.48 -10.78
CA GLU B 19 -2.30 14.88 -10.05
C GLU B 19 -1.85 13.78 -9.10
N HIS B 20 -0.72 13.13 -9.39
CA HIS B 20 -0.18 12.13 -8.48
C HIS B 20 0.47 12.78 -7.27
N ALA B 21 1.25 13.84 -7.48
CA ALA B 21 1.84 14.57 -6.36
C ALA B 21 0.79 15.28 -5.53
N LEU B 22 -0.38 15.61 -6.11
CA LEU B 22 -1.46 16.22 -5.37
C LEU B 22 -2.12 15.25 -4.39
N THR B 23 -1.65 14.00 -4.31
CA THR B 23 -2.09 13.09 -3.27
C THR B 23 -1.73 13.62 -1.88
N SER B 24 -0.59 14.29 -1.77
CA SER B 24 -0.16 14.89 -0.51
C SER B 24 -0.76 16.29 -0.37
N GLY B 25 -1.42 16.53 0.77
CA GLY B 25 -1.95 17.86 1.04
C GLY B 25 -0.87 18.89 1.25
N THR B 26 0.31 18.47 1.71
CA THR B 26 1.41 19.40 1.91
C THR B 26 1.95 19.89 0.57
N ILE B 27 2.12 18.98 -0.39
CA ILE B 27 2.56 19.38 -1.73
C ILE B 27 1.51 20.28 -2.38
N LYS B 28 0.24 19.92 -2.24
CA LYS B 28 -0.84 20.75 -2.78
C LYS B 28 -0.84 22.13 -2.12
N ALA B 29 -0.52 22.19 -0.84
CA ALA B 29 -0.52 23.46 -0.12
C ALA B 29 0.56 24.40 -0.66
N MET B 30 1.75 23.88 -0.96
CA MET B 30 2.85 24.68 -1.49
C MET B 30 2.79 24.82 -3.01
N LEU B 31 1.61 24.77 -3.61
CA LEU B 31 1.45 24.97 -5.05
C LEU B 31 0.37 26.01 -5.32
N THR B 42 5.69 27.54 -8.77
CA THR B 42 5.33 26.13 -8.67
C THR B 42 6.20 25.27 -9.59
N ASN B 43 5.72 24.06 -9.89
CA ASN B 43 6.37 23.10 -10.78
C ASN B 43 7.70 22.59 -10.24
N GLU B 44 8.06 22.94 -9.00
CA GLU B 44 9.30 22.47 -8.40
C GLU B 44 9.23 22.70 -6.90
N VAL B 45 9.44 21.63 -6.13
CA VAL B 45 9.36 21.67 -4.68
C VAL B 45 10.58 20.96 -4.10
N ASN B 46 11.24 21.61 -3.14
CA ASN B 46 12.39 21.04 -2.46
C ASN B 46 11.98 20.42 -1.13
N PHE B 47 12.73 19.41 -0.69
CA PHE B 47 12.49 18.72 0.57
C PHE B 47 13.83 18.53 1.27
N ARG B 48 14.12 19.40 2.24
CA ARG B 48 15.42 19.40 2.90
C ARG B 48 15.57 18.28 3.93
N GLU B 49 14.50 17.55 4.24
CA GLU B 49 14.57 16.52 5.26
C GLU B 49 14.13 15.14 4.80
N ILE B 50 13.85 14.96 3.51
CA ILE B 50 13.42 13.68 2.96
C ILE B 50 14.51 13.18 2.01
N PRO B 51 15.27 12.15 2.36
CA PRO B 51 16.29 11.63 1.45
C PRO B 51 15.66 10.96 0.24
N SER B 52 16.53 10.63 -0.72
CA SER B 52 16.06 10.11 -2.00
C SER B 52 15.43 8.72 -1.87
N HIS B 53 16.06 7.85 -1.07
CA HIS B 53 15.54 6.48 -0.93
C HIS B 53 14.17 6.47 -0.25
N VAL B 54 13.81 7.55 0.44
CA VAL B 54 12.48 7.65 1.02
C VAL B 54 11.53 8.39 0.08
N LEU B 55 12.00 9.45 -0.57
CA LEU B 55 11.16 10.19 -1.51
C LEU B 55 10.78 9.35 -2.71
N SER B 56 11.67 8.45 -3.15
CA SER B 56 11.33 7.54 -4.24
C SER B 56 10.16 6.64 -3.85
N LYS B 57 10.21 6.08 -2.64
CA LYS B 57 9.11 5.25 -2.16
C LYS B 57 7.82 6.05 -2.03
N VAL B 58 7.93 7.31 -1.59
CA VAL B 58 6.74 8.17 -1.49
C VAL B 58 6.11 8.34 -2.86
N CYS B 59 6.93 8.57 -3.89
CA CYS B 59 6.41 8.67 -5.25
C CYS B 59 5.76 7.36 -5.69
N MET B 60 6.32 6.22 -5.24
CA MET B 60 5.70 4.93 -5.52
C MET B 60 4.33 4.83 -4.86
N TYR B 61 4.19 5.38 -3.65
CA TYR B 61 2.88 5.38 -3.00
C TYR B 61 1.88 6.24 -3.77
N PHE B 62 2.35 7.34 -4.36
CA PHE B 62 1.46 8.19 -5.14
C PHE B 62 0.83 7.42 -6.29
N THR B 63 1.66 6.73 -7.08
CA THR B 63 1.15 5.90 -8.17
C THR B 63 0.25 4.79 -7.64
N TYR B 64 0.64 4.19 -6.51
CA TYR B 64 -0.16 3.13 -5.91
C TYR B 64 -1.51 3.67 -5.45
N LYS B 65 -1.55 4.90 -4.97
CA LYS B 65 -2.80 5.50 -4.49
C LYS B 65 -3.70 5.91 -5.63
N VAL B 66 -3.15 6.51 -6.68
CA VAL B 66 -3.97 6.95 -7.81
C VAL B 66 -4.52 5.75 -8.57
N ARG B 67 -3.69 4.71 -8.74
CA ARG B 67 -4.15 3.54 -9.48
C ARG B 67 -5.28 2.82 -8.76
N TYR B 68 -5.17 2.67 -7.45
CA TYR B 68 -6.19 1.96 -6.69
C TYR B 68 -7.02 2.92 -5.85
N THR B 69 -7.63 3.91 -6.51
CA THR B 69 -8.50 4.86 -5.83
C THR B 69 -9.97 4.45 -5.91
N ASN B 70 -10.47 4.21 -7.13
CA ASN B 70 -11.85 3.81 -7.33
C ASN B 70 -11.95 2.57 -8.23
N SER B 71 -10.88 1.81 -8.36
CA SER B 71 -10.88 0.62 -9.19
C SER B 71 -11.52 -0.55 -8.46
N SER B 72 -12.16 -1.42 -9.23
CA SER B 72 -12.85 -2.59 -8.69
C SER B 72 -11.95 -3.81 -8.53
N THR B 73 -10.67 -3.71 -8.92
CA THR B 73 -9.75 -4.82 -8.77
C THR B 73 -9.16 -4.84 -7.36
N GLU B 74 -8.72 -6.02 -6.95
CA GLU B 74 -8.21 -6.19 -5.59
C GLU B 74 -6.94 -5.38 -5.39
N ILE B 75 -6.87 -4.65 -4.28
CA ILE B 75 -5.73 -3.78 -4.00
C ILE B 75 -4.58 -4.64 -3.48
N PRO B 76 -3.39 -4.54 -4.07
CA PRO B 76 -2.25 -5.31 -3.57
C PRO B 76 -1.60 -4.61 -2.38
N GLU B 77 -0.79 -5.38 -1.66
CA GLU B 77 -0.06 -4.84 -0.53
C GLU B 77 1.06 -3.92 -1.01
N PHE B 78 1.25 -2.82 -0.30
CA PHE B 78 2.35 -1.90 -0.58
C PHE B 78 3.56 -2.33 0.23
N PRO B 79 4.62 -2.83 -0.40
CA PRO B 79 5.76 -3.34 0.38
C PRO B 79 6.55 -2.20 1.03
N ILE B 80 6.83 -2.36 2.32
CA ILE B 80 7.63 -1.41 3.08
C ILE B 80 8.64 -2.21 3.90
N ALA B 81 9.93 -2.09 3.56
CA ALA B 81 10.95 -2.75 4.33
C ALA B 81 11.06 -2.11 5.72
N PRO B 82 11.37 -2.91 6.75
CA PRO B 82 11.51 -2.34 8.10
C PRO B 82 12.63 -1.31 8.21
N GLU B 83 13.65 -1.42 7.35
CA GLU B 83 14.77 -0.49 7.39
C GLU B 83 14.37 0.92 6.98
N ILE B 84 13.22 1.08 6.33
CA ILE B 84 12.76 2.37 5.84
C ILE B 84 11.49 2.84 6.50
N ALA B 85 10.81 1.99 7.28
CA ALA B 85 9.48 2.32 7.79
C ALA B 85 9.50 3.52 8.71
N LEU B 86 10.56 3.66 9.52
CA LEU B 86 10.63 4.79 10.44
C LEU B 86 10.81 6.09 9.69
N GLU B 87 11.72 6.13 8.72
CA GLU B 87 11.90 7.34 7.91
C GLU B 87 10.67 7.62 7.07
N LEU B 88 10.08 6.58 6.48
CA LEU B 88 8.90 6.77 5.65
C LEU B 88 7.72 7.28 6.47
N LEU B 89 7.60 6.85 7.73
CA LEU B 89 6.52 7.34 8.58
C LEU B 89 6.69 8.82 8.88
N MET B 90 7.92 9.29 9.04
CA MET B 90 8.13 10.72 9.30
C MET B 90 7.87 11.56 8.06
N ALA B 91 8.22 11.04 6.88
CA ALA B 91 7.98 11.78 5.65
C ALA B 91 6.50 11.80 5.30
N ALA B 92 5.80 10.69 5.55
CA ALA B 92 4.37 10.63 5.24
C ALA B 92 3.55 11.55 6.14
N ASN B 93 3.98 11.72 7.39
CA ASN B 93 3.29 12.66 8.28
C ASN B 93 3.56 14.09 7.88
N PHE B 94 4.79 14.38 7.43
CA PHE B 94 5.12 15.73 6.96
C PHE B 94 4.39 16.07 5.67
N LEU B 95 4.11 15.08 4.83
CA LEU B 95 3.43 15.30 3.56
C LEU B 95 1.93 15.15 3.67
N ASP B 96 1.42 14.52 4.73
CA ASP B 96 -0.01 14.25 4.93
C ASP B 96 -0.58 13.44 3.76
N CYS B 97 -0.23 12.17 3.76
CA CYS B 97 -0.70 11.25 2.72
C CYS B 97 -0.66 9.81 3.21
N SER C 1 -14.42 2.14 33.24
CA SER C 1 -15.00 2.29 31.91
C SER C 1 -16.22 1.39 31.75
N MET C 2 -17.37 2.00 31.48
CA MET C 2 -18.58 1.22 31.25
C MET C 2 -18.58 0.64 29.84
N GLN C 3 -19.47 -0.33 29.62
CA GLN C 3 -19.46 -1.10 28.38
C GLN C 3 -19.67 -0.21 27.15
N ALA C 4 -20.55 0.79 27.26
CA ALA C 4 -20.83 1.64 26.11
C ALA C 4 -19.59 2.36 25.63
N ALA C 5 -18.75 2.84 26.56
CA ALA C 5 -17.50 3.48 26.15
C ALA C 5 -16.53 2.46 25.56
N ARG C 6 -16.48 1.26 26.14
CA ARG C 6 -15.61 0.22 25.61
C ARG C 6 -16.00 -0.14 24.18
N LEU C 7 -17.31 -0.24 23.91
CA LEU C 7 -17.76 -0.57 22.56
C LEU C 7 -17.47 0.56 21.58
N ALA C 8 -17.54 1.81 22.04
CA ALA C 8 -17.27 2.94 21.16
C ALA C 8 -15.81 2.97 20.73
N LYS C 9 -14.88 2.69 21.66
CA LYS C 9 -13.48 2.64 21.31
C LYS C 9 -13.20 1.49 20.34
N ALA C 10 -13.92 0.37 20.49
CA ALA C 10 -13.75 -0.74 19.57
C ALA C 10 -14.23 -0.39 18.17
N LEU C 11 -15.28 0.41 18.06
CA LEU C 11 -15.83 0.75 16.75
C LEU C 11 -15.01 1.83 16.05
N ARG C 12 -14.32 2.69 16.80
CA ARG C 12 -13.48 3.71 16.17
C ARG C 12 -12.29 3.07 15.47
N GLU C 13 -11.67 2.06 16.09
CA GLU C 13 -10.56 1.36 15.46
C GLU C 13 -11.02 0.61 14.21
N LEU C 14 -12.26 0.12 14.20
CA LEU C 14 -12.80 -0.56 13.03
C LEU C 14 -12.76 0.34 11.80
N GLY C 15 -13.02 1.64 11.99
CA GLY C 15 -12.96 2.59 10.90
C GLY C 15 -11.55 2.94 10.47
N GLN C 16 -10.55 2.68 11.31
CA GLN C 16 -9.15 2.93 10.98
C GLN C 16 -8.49 1.77 10.25
N THR C 17 -9.19 0.65 10.08
CA THR C 17 -8.58 -0.53 9.48
C THR C 17 -8.42 -0.37 7.97
N GLY C 18 -9.47 0.04 7.28
CA GLY C 18 -9.48 0.06 5.83
C GLY C 18 -10.06 -1.17 5.18
N TRP C 19 -10.46 -2.17 5.97
CA TRP C 19 -11.17 -3.34 5.45
C TRP C 19 -12.54 -3.48 6.08
N TYR C 20 -13.15 -2.37 6.49
CA TYR C 20 -14.52 -2.32 6.97
C TYR C 20 -15.40 -1.80 5.84
N TRP C 21 -16.31 -2.65 5.36
CA TRP C 21 -17.10 -2.35 4.18
C TRP C 21 -18.50 -1.85 4.49
N GLY C 22 -18.77 -1.49 5.75
CA GLY C 22 -20.05 -0.88 6.08
C GLY C 22 -21.22 -1.78 5.75
N SER C 23 -22.22 -1.19 5.09
CA SER C 23 -23.47 -1.90 4.79
C SER C 23 -23.36 -2.75 3.54
N MET C 24 -22.28 -3.51 3.41
CA MET C 24 -22.14 -4.45 2.31
C MET C 24 -23.12 -5.61 2.49
N THR C 25 -23.68 -6.09 1.38
CA THR C 25 -24.62 -7.19 1.43
C THR C 25 -23.90 -8.54 1.32
N VAL C 26 -24.66 -9.62 1.48
CA VAL C 26 -24.09 -10.95 1.47
C VAL C 26 -23.58 -11.30 0.08
N ASN C 27 -24.34 -10.96 -0.97
CA ASN C 27 -23.92 -11.29 -2.32
C ASN C 27 -22.84 -10.33 -2.83
N GLU C 28 -22.86 -9.08 -2.38
CA GLU C 28 -21.79 -8.14 -2.76
C GLU C 28 -20.44 -8.64 -2.26
N ALA C 29 -20.40 -9.21 -1.06
CA ALA C 29 -19.16 -9.77 -0.54
C ALA C 29 -18.76 -11.03 -1.31
N LYS C 30 -19.73 -11.80 -1.81
CA LYS C 30 -19.41 -12.99 -2.59
C LYS C 30 -18.64 -12.64 -3.86
N GLU C 31 -18.94 -11.50 -4.47
CA GLU C 31 -18.29 -11.14 -5.72
C GLU C 31 -16.89 -10.57 -5.49
N LYS C 32 -16.71 -9.80 -4.42
CA LYS C 32 -15.40 -9.23 -4.13
C LYS C 32 -14.40 -10.28 -3.67
N LEU C 33 -14.88 -11.44 -3.20
CA LEU C 33 -14.02 -12.50 -2.72
C LEU C 33 -14.08 -13.76 -3.58
N LYS C 34 -14.78 -13.70 -4.72
CA LYS C 34 -14.93 -14.88 -5.55
C LYS C 34 -13.60 -15.35 -6.11
N GLU C 35 -12.73 -14.42 -6.49
CA GLU C 35 -11.44 -14.74 -7.10
C GLU C 35 -10.25 -14.40 -6.20
N ALA C 36 -10.50 -14.01 -4.95
CA ALA C 36 -9.42 -13.68 -4.05
C ALA C 36 -8.71 -14.95 -3.58
N PRO C 37 -7.44 -14.84 -3.21
CA PRO C 37 -6.73 -16.00 -2.66
C PRO C 37 -7.35 -16.46 -1.35
N GLU C 38 -7.15 -17.74 -1.04
CA GLU C 38 -7.73 -18.34 0.15
C GLU C 38 -7.27 -17.63 1.41
N GLY C 39 -8.22 -17.31 2.29
CA GLY C 39 -7.93 -16.60 3.51
C GLY C 39 -8.22 -15.12 3.48
N THR C 40 -8.45 -14.55 2.30
CA THR C 40 -8.78 -13.14 2.19
C THR C 40 -10.13 -12.86 2.84
N PHE C 41 -10.18 -11.83 3.68
CA PHE C 41 -11.34 -11.56 4.50
C PHE C 41 -11.69 -10.08 4.48
N LEU C 42 -12.89 -9.78 4.96
CA LEU C 42 -13.31 -8.40 5.23
C LEU C 42 -14.34 -8.46 6.35
N ILE C 43 -14.66 -7.28 6.89
CA ILE C 43 -15.66 -7.17 7.94
C ILE C 43 -16.69 -6.12 7.51
N ARG C 44 -17.96 -6.40 7.80
CA ARG C 44 -19.05 -5.56 7.33
C ARG C 44 -20.18 -5.60 8.34
N ASP C 45 -21.15 -4.71 8.17
CA ASP C 45 -22.32 -4.69 9.02
C ASP C 45 -23.16 -5.94 8.77
N SER C 46 -23.66 -6.53 9.85
CA SER C 46 -24.54 -7.69 9.74
C SER C 46 -25.97 -7.23 9.50
N SER C 47 -26.59 -7.75 8.42
CA SER C 47 -27.97 -7.43 8.13
C SER C 47 -28.94 -8.06 9.12
N HIS C 48 -28.44 -8.92 10.02
CA HIS C 48 -29.27 -9.50 11.07
C HIS C 48 -29.38 -8.53 12.24
N SER C 49 -30.54 -8.57 12.90
CA SER C 49 -30.78 -7.66 14.02
C SER C 49 -30.02 -8.05 15.28
N ASP C 50 -29.67 -9.33 15.42
CA ASP C 50 -29.02 -9.82 16.63
C ASP C 50 -27.50 -9.73 16.57
N TYR C 51 -26.93 -9.16 15.49
CA TYR C 51 -25.49 -9.11 15.32
C TYR C 51 -25.10 -7.76 14.75
N LEU C 52 -23.93 -7.27 15.15
CA LEU C 52 -23.41 -6.00 14.66
C LEU C 52 -22.53 -6.18 13.44
N LEU C 53 -21.61 -7.13 13.47
CA LEU C 53 -20.60 -7.30 12.43
C LEU C 53 -20.63 -8.73 11.90
N THR C 54 -20.06 -8.89 10.71
CA THR C 54 -19.98 -10.18 10.03
C THR C 54 -18.65 -10.26 9.28
N ILE C 55 -17.98 -11.39 9.40
CA ILE C 55 -16.74 -11.66 8.67
C ILE C 55 -17.08 -12.40 7.39
N SER C 56 -16.74 -11.82 6.25
CA SER C 56 -16.81 -12.50 4.97
C SER C 56 -15.40 -12.90 4.56
N VAL C 57 -15.16 -14.21 4.47
CA VAL C 57 -13.83 -14.74 4.21
C VAL C 57 -13.89 -15.69 3.02
N LYS C 58 -12.86 -15.65 2.19
CA LYS C 58 -12.74 -16.56 1.05
C LYS C 58 -12.00 -17.81 1.48
N THR C 59 -12.65 -18.96 1.35
CA THR C 59 -12.04 -20.25 1.63
C THR C 59 -11.77 -20.98 0.32
N SER C 60 -11.13 -22.16 0.44
CA SER C 60 -10.84 -22.95 -0.76
C SER C 60 -12.12 -23.39 -1.46
N ALA C 61 -13.21 -23.58 -0.70
CA ALA C 61 -14.48 -23.99 -1.26
C ALA C 61 -15.35 -22.81 -1.71
N GLY C 62 -14.88 -21.59 -1.54
CA GLY C 62 -15.64 -20.42 -1.93
C GLY C 62 -15.85 -19.46 -0.79
N PRO C 63 -16.38 -18.27 -1.09
CA PRO C 63 -16.60 -17.28 -0.04
C PRO C 63 -17.70 -17.71 0.91
N THR C 64 -17.52 -17.39 2.19
CA THR C 64 -18.51 -17.69 3.22
C THR C 64 -18.62 -16.49 4.15
N ASN C 65 -19.48 -16.61 5.15
CA ASN C 65 -19.73 -15.53 6.10
C ASN C 65 -19.87 -16.10 7.50
N LEU C 66 -19.33 -15.37 8.47
CA LEU C 66 -19.37 -15.78 9.87
C LEU C 66 -19.63 -14.54 10.71
N ARG C 67 -20.73 -14.55 11.47
CA ARG C 67 -21.11 -13.39 12.24
C ARG C 67 -20.30 -13.30 13.54
N ILE C 68 -20.21 -12.07 14.06
CA ILE C 68 -19.51 -11.79 15.31
C ILE C 68 -20.53 -11.42 16.37
N GLU C 69 -20.49 -12.12 17.50
CA GLU C 69 -21.41 -11.85 18.60
C GLU C 69 -20.81 -10.84 19.56
N TYR C 70 -21.67 -10.01 20.13
CA TYR C 70 -21.28 -9.05 21.16
C TYR C 70 -22.15 -9.30 22.39
N GLN C 71 -21.57 -9.94 23.41
CA GLN C 71 -22.27 -10.23 24.64
C GLN C 71 -21.34 -9.93 25.81
N ASP C 72 -21.87 -9.22 26.81
CA ASP C 72 -21.12 -8.86 28.01
C ASP C 72 -19.84 -8.10 27.67
N GLY C 73 -19.93 -7.20 26.69
CA GLY C 73 -18.82 -6.34 26.35
C GLY C 73 -17.62 -7.03 25.73
N LYS C 74 -17.83 -8.19 25.10
CA LYS C 74 -16.74 -8.92 24.47
C LYS C 74 -17.18 -9.42 23.10
N PHE C 75 -16.30 -9.30 22.12
CA PHE C 75 -16.56 -9.83 20.79
C PHE C 75 -16.07 -11.27 20.69
N ARG C 76 -16.81 -12.09 19.96
CA ARG C 76 -16.43 -13.48 19.77
C ARG C 76 -17.11 -14.01 18.51
N LEU C 77 -16.53 -15.06 17.96
CA LEU C 77 -17.10 -15.67 16.76
C LEU C 77 -18.39 -16.41 17.10
N ASP C 78 -19.30 -16.46 16.13
CA ASP C 78 -20.55 -17.18 16.30
C ASP C 78 -20.28 -18.68 16.34
N SER C 79 -20.78 -19.35 17.37
CA SER C 79 -20.56 -20.77 17.56
C SER C 79 -21.83 -21.39 18.14
N ILE C 80 -21.74 -22.66 18.56
CA ILE C 80 -22.92 -23.37 19.02
C ILE C 80 -23.45 -22.75 20.32
N ILE C 81 -24.72 -23.04 20.61
CA ILE C 81 -25.35 -22.62 21.84
C ILE C 81 -24.67 -23.31 23.02
N CYS C 82 -23.63 -22.66 23.56
CA CYS C 82 -22.98 -23.02 24.82
C CYS C 82 -22.17 -24.31 24.77
N VAL C 83 -22.21 -25.04 23.65
CA VAL C 83 -21.36 -26.23 23.53
C VAL C 83 -19.90 -25.82 23.45
N LYS C 84 -19.60 -24.75 22.73
CA LYS C 84 -18.25 -24.21 22.64
C LYS C 84 -18.34 -22.67 22.68
N SER C 85 -18.96 -22.15 23.74
CA SER C 85 -19.17 -20.71 23.88
C SER C 85 -18.16 -20.04 24.80
N ALA C 86 -17.38 -20.81 25.55
CA ALA C 86 -16.27 -20.26 26.33
C ALA C 86 -15.03 -20.34 25.44
N LEU C 87 -14.79 -19.27 24.69
CA LEU C 87 -13.69 -19.24 23.72
C LEU C 87 -13.15 -17.82 23.67
N ALA C 88 -12.26 -17.57 22.71
CA ALA C 88 -11.51 -16.32 22.66
C ALA C 88 -12.45 -15.12 22.50
N ALA C 89 -12.39 -14.20 23.45
CA ALA C 89 -13.22 -13.01 23.45
C ALA C 89 -12.38 -11.80 23.84
N PHE C 90 -12.60 -10.68 23.13
CA PHE C 90 -11.83 -9.47 23.35
C PHE C 90 -12.76 -8.25 23.30
N ASP C 91 -12.33 -7.19 23.98
CA ASP C 91 -13.08 -5.93 23.96
C ASP C 91 -13.02 -5.24 22.60
N SER C 92 -12.00 -5.54 21.80
CA SER C 92 -11.83 -4.93 20.49
C SER C 92 -12.08 -5.99 19.42
N VAL C 93 -12.91 -5.65 18.43
CA VAL C 93 -13.18 -6.59 17.34
C VAL C 93 -11.99 -6.69 16.40
N VAL C 94 -11.23 -5.60 16.23
CA VAL C 94 -9.99 -5.67 15.46
C VAL C 94 -8.99 -6.59 16.16
N HIS C 95 -8.90 -6.48 17.49
CA HIS C 95 -8.10 -7.42 18.26
C HIS C 95 -8.52 -8.85 17.99
N LEU C 96 -9.83 -9.10 17.95
CA LEU C 96 -10.32 -10.45 17.67
C LEU C 96 -9.86 -10.92 16.30
N ILE C 97 -9.90 -10.05 15.30
CA ILE C 97 -9.46 -10.44 13.96
C ILE C 97 -7.95 -10.63 13.93
N ASP C 98 -7.20 -9.69 14.51
CA ASP C 98 -5.75 -9.81 14.55
C ASP C 98 -5.32 -11.07 15.29
N TYR C 99 -6.06 -11.46 16.33
CA TYR C 99 -5.75 -12.67 17.07
C TYR C 99 -5.80 -13.89 16.17
N TYR C 100 -6.84 -14.00 15.34
CA TYR C 100 -7.00 -15.18 14.48
C TYR C 100 -6.07 -15.14 13.28
N VAL C 101 -5.71 -13.95 12.78
CA VAL C 101 -4.76 -13.86 11.68
C VAL C 101 -3.40 -14.36 12.13
N GLN C 102 -2.95 -13.92 13.31
CA GLN C 102 -1.65 -14.35 13.81
C GLN C 102 -1.64 -15.83 14.18
N MET C 103 -2.79 -16.40 14.50
CA MET C 103 -2.87 -17.80 14.88
C MET C 103 -2.60 -18.70 13.67
N LYS C 105 -0.65 -17.97 11.29
CA LYS C 105 0.61 -17.55 10.69
C LYS C 105 1.52 -18.75 10.45
N ASP C 106 1.23 -19.86 11.15
CA ASP C 106 1.99 -21.08 11.00
C ASP C 106 1.91 -21.59 9.57
N LYS C 107 0.76 -22.13 9.18
CA LYS C 107 0.53 -22.62 7.83
C LYS C 107 -0.95 -22.94 7.64
N VAL C 119 -15.94 -24.98 11.22
CA VAL C 119 -14.55 -25.41 11.10
C VAL C 119 -13.62 -24.32 11.63
N HIS C 120 -12.32 -24.61 11.61
CA HIS C 120 -11.34 -23.65 12.09
C HIS C 120 -11.19 -22.50 11.09
N LEU C 121 -11.23 -21.27 11.60
CA LEU C 121 -11.16 -20.09 10.75
C LEU C 121 -9.74 -19.83 10.29
N TYR C 122 -9.59 -19.51 9.00
CA TYR C 122 -8.29 -19.28 8.39
C TYR C 122 -8.31 -17.91 7.72
N LEU C 123 -7.62 -16.95 8.33
CA LEU C 123 -7.52 -15.59 7.81
C LEU C 123 -6.06 -15.29 7.46
N THR C 124 -5.86 -14.60 6.34
CA THR C 124 -4.52 -14.16 5.96
C THR C 124 -4.48 -12.65 5.78
N LYS C 125 -4.78 -12.17 4.56
CA LYS C 125 -4.69 -10.75 4.28
C LYS C 125 -6.07 -10.14 4.07
N PRO C 126 -6.31 -8.94 4.59
CA PRO C 126 -7.63 -8.32 4.43
C PRO C 126 -7.80 -7.71 3.04
N LEU C 127 -9.06 -7.51 2.67
CA LEU C 127 -9.43 -6.91 1.40
C LEU C 127 -9.79 -5.45 1.66
N TYR C 128 -8.86 -4.55 1.33
CA TYR C 128 -9.07 -3.13 1.58
C TYR C 128 -10.15 -2.56 0.67
N THR C 129 -10.90 -1.60 1.18
CA THR C 129 -11.88 -0.89 0.35
C THR C 129 -11.18 0.07 -0.61
N SER C 130 -10.24 0.86 -0.10
CA SER C 130 -9.41 1.73 -0.90
C SER C 130 -7.99 1.67 -0.35
N ALA C 131 -7.06 2.23 -1.12
CA ALA C 131 -5.67 2.27 -0.68
C ALA C 131 -5.55 3.14 0.57
N PRO C 132 -5.09 2.61 1.69
CA PRO C 132 -4.98 3.41 2.91
C PRO C 132 -3.85 4.43 2.81
N SER C 133 -3.79 5.29 3.82
CA SER C 133 -2.77 6.32 3.86
C SER C 133 -1.38 5.71 4.04
N LEU C 134 -0.38 6.40 3.53
CA LEU C 134 1.00 5.93 3.70
C LEU C 134 1.40 5.94 5.17
N GLN C 135 0.84 6.85 5.96
CA GLN C 135 1.10 6.86 7.40
C GLN C 135 0.61 5.56 8.04
N HIS C 136 -0.63 5.16 7.73
CA HIS C 136 -1.16 3.93 8.30
C HIS C 136 -0.43 2.70 7.79
N LEU C 137 0.07 2.75 6.55
CA LEU C 137 0.84 1.63 6.01
C LEU C 137 2.17 1.46 6.74
N CYS C 138 2.79 2.57 7.14
CA CYS C 138 4.02 2.48 7.93
C CYS C 138 3.73 1.96 9.33
N ARG C 139 2.60 2.37 9.91
CA ARG C 139 2.23 1.89 11.24
C ARG C 139 2.08 0.37 11.25
N LEU C 140 1.48 -0.19 10.20
CA LEU C 140 1.33 -1.64 10.12
C LEU C 140 2.69 -2.33 10.00
N THR C 141 3.59 -1.78 9.20
CA THR C 141 4.93 -2.35 9.07
C THR C 141 5.69 -2.25 10.38
N ILE C 142 5.52 -1.15 11.11
CA ILE C 142 6.20 -0.98 12.39
C ILE C 142 5.62 -1.94 13.43
N ASN C 143 4.29 -2.11 13.43
CA ASN C 143 3.66 -2.99 14.40
C ASN C 143 4.07 -4.44 14.21
N LYS C 144 4.44 -4.82 12.97
CA LYS C 144 4.87 -6.19 12.71
C LYS C 144 6.30 -6.45 13.17
N CYS C 145 7.06 -5.41 13.48
CA CYS C 145 8.47 -5.56 13.89
C CYS C 145 8.64 -5.49 15.40
N THR C 146 8.10 -4.45 16.04
CA THR C 146 8.26 -4.27 17.48
C THR C 146 6.97 -3.72 18.06
N GLY C 147 6.85 -3.86 19.38
CA GLY C 147 5.71 -3.31 20.10
C GLY C 147 6.14 -2.26 21.09
N ALA C 148 7.42 -1.91 21.10
CA ALA C 148 7.99 -0.95 22.04
C ALA C 148 8.11 0.41 21.33
N ILE C 149 7.07 1.23 21.47
CA ILE C 149 7.07 2.54 20.82
C ILE C 149 8.06 3.49 21.49
N TRP C 150 8.31 3.30 22.79
CA TRP C 150 9.24 4.17 23.49
C TRP C 150 10.67 4.02 22.96
N GLY C 151 11.03 2.83 22.50
CA GLY C 151 12.37 2.58 22.01
C GLY C 151 12.57 2.99 20.56
N LEU C 152 11.67 3.82 20.04
CA LEU C 152 11.73 4.25 18.65
C LEU C 152 12.17 5.71 18.56
N PRO C 153 13.04 6.04 17.60
CA PRO C 153 13.48 7.44 17.40
C PRO C 153 12.45 8.25 16.64
N LEU C 154 11.34 8.55 17.31
CA LEU C 154 10.25 9.29 16.70
C LEU C 154 9.78 10.40 17.64
N PRO C 155 9.34 11.53 17.09
CA PRO C 155 8.71 12.54 17.94
C PRO C 155 7.45 12.00 18.58
N THR C 156 7.16 12.49 19.80
CA THR C 156 6.03 11.97 20.57
C THR C 156 4.71 12.17 19.85
N ARG C 157 4.64 13.06 18.87
CA ARG C 157 3.44 13.21 18.07
C ARG C 157 3.15 11.95 17.28
N LEU C 158 4.21 11.31 16.75
CA LEU C 158 4.04 10.05 16.02
C LEU C 158 3.88 8.86 16.96
N LYS C 159 4.52 8.90 18.12
CA LYS C 159 4.32 7.84 19.11
C LYS C 159 2.87 7.79 19.56
N ASP C 160 2.22 8.95 19.66
CA ASP C 160 0.78 8.98 19.92
C ASP C 160 0.00 8.34 18.77
N TYR C 161 0.47 8.54 17.54
CA TYR C 161 -0.20 7.95 16.39
C TYR C 161 -0.08 6.43 16.40
N LEU C 162 1.07 5.90 16.80
CA LEU C 162 1.27 4.46 16.80
C LEU C 162 0.43 3.75 17.86
N GLU C 163 0.03 4.46 18.92
CA GLU C 163 -0.75 3.84 19.98
C GLU C 163 -2.21 3.69 19.62
N GLU C 164 -2.74 4.56 18.75
CA GLU C 164 -4.14 4.47 18.36
C GLU C 164 -4.44 3.25 17.50
N TYR C 165 -3.41 2.54 17.04
CA TYR C 165 -3.60 1.34 16.23
C TYR C 165 -2.36 0.47 16.43
N LYS C 166 -2.45 -0.50 17.33
CA LYS C 166 -1.33 -1.36 17.70
C LYS C 166 -1.41 -2.75 17.07
N PHE C 167 -2.36 -2.98 16.18
CA PHE C 167 -2.55 -4.29 15.61
C PHE C 167 -1.64 -4.50 14.40
N GLN C 168 -1.55 -5.77 13.97
CA GLN C 168 -0.70 -6.14 12.85
C GLN C 168 -1.47 -6.37 11.55
N VAL C 169 -2.81 -6.33 11.61
CA VAL C 169 -3.62 -6.54 10.41
C VAL C 169 -4.48 -5.30 10.15
N SER D 2 -27.86 -17.80 6.95
CA SER D 2 -28.72 -18.67 6.16
C SER D 2 -27.91 -19.69 5.37
N PHE D 3 -28.10 -19.70 4.05
CA PHE D 3 -27.44 -20.68 3.20
C PHE D 3 -25.96 -20.37 3.00
N GLU D 4 -25.59 -19.09 2.96
CA GLU D 4 -24.20 -18.71 2.73
C GLU D 4 -23.48 -18.37 4.02
N THR D 6 -21.89 -19.49 7.94
CA THR D 6 -21.22 -20.57 8.64
C THR D 6 -21.29 -20.36 10.15
N ILE D 7 -21.36 -21.45 10.89
CA ILE D 7 -21.20 -21.45 12.34
C ILE D 7 -20.03 -22.35 12.68
N LEU D 8 -19.45 -22.13 13.85
CA LEU D 8 -18.30 -22.93 14.28
C LEU D 8 -18.80 -24.12 15.08
N ASP D 9 -18.36 -25.31 14.67
CA ASP D 9 -18.85 -26.57 15.19
C ASP D 9 -17.70 -27.56 15.26
N PRO D 10 -17.71 -28.47 16.24
CA PRO D 10 -16.76 -29.58 16.33
C PRO D 10 -17.22 -30.79 15.52
#